data_2R61
#
_entry.id   2R61
#
_cell.length_a   52.223
_cell.length_b   52.223
_cell.length_c   236.657
_cell.angle_alpha   90.000
_cell.angle_beta   90.000
_cell.angle_gamma   90.000
#
_symmetry.space_group_name_H-M   'P 43 21 2'
#
loop_
_entity.id
_entity.type
_entity.pdbx_description
1 polymer 'Exotoxin 3'
2 branched 'N-acetyl-alpha-neuraminic acid-(2-3)-beta-D-galactopyranose-(1-4)-[alpha-L-fucopyranose-(1-3)]2-acetamido-2-deoxy-beta-D-glucopyranose'
3 non-polymer 'CHLORIDE ION'
4 non-polymer 'S,R MESO-TARTARIC ACID'
5 non-polymer GLYCEROL
6 water water
#
_entity_poly.entity_id   1
_entity_poly.type   'polypeptide(L)'
_entity_poly.pdbx_seq_one_letter_code
;GPGSSEHKAKYENVTKDIFDLRDYYSGASKELKNVTGYRYSKGGKHYLIFDAHQAFTRIQIFGKDIERLKARKNPGLDIF
VVKEAENRNGTVFSYGGVTKKNQGAYYDYLNAPKFVIKKEVDAGVYTHVKRHYIYKEEVSLKELDFKLRQYLIQNFDLYK
KFPKDSKIKVIMKDGGYYTFELNKKLQPHRMSDVIDGRNIEKMEANIR
;
_entity_poly.pdbx_strand_id   A
#
loop_
_chem_comp.id
_chem_comp.type
_chem_comp.name
_chem_comp.formula
CL non-polymer 'CHLORIDE ION' 'Cl -1'
FUC L-saccharide, alpha linking alpha-L-fucopyranose 'C6 H12 O5'
GAL D-saccharide, beta linking beta-D-galactopyranose 'C6 H12 O6'
GOL non-polymer GLYCEROL 'C3 H8 O3'
NAG D-saccharide, beta linking 2-acetamido-2-deoxy-beta-D-glucopyranose 'C8 H15 N O6'
SIA D-saccharide, alpha linking 'N-acetyl-alpha-neuraminic acid' 'C11 H19 N O9'
SRT non-polymer 'S,R MESO-TARTARIC ACID' 'C4 H6 O6'
#
# COMPACT_ATOMS: atom_id res chain seq x y z
N GLU A 12 -0.70 26.74 5.24
CA GLU A 12 -0.47 26.90 3.75
C GLU A 12 -1.72 26.67 2.87
N ASN A 13 -1.69 27.19 1.65
CA ASN A 13 -2.88 27.40 0.80
C ASN A 13 -3.01 26.42 -0.35
N VAL A 14 -3.19 25.14 -0.03
CA VAL A 14 -2.87 24.04 -0.97
C VAL A 14 -3.86 23.80 -2.16
N THR A 15 -3.35 23.37 -3.33
CA THR A 15 -4.19 23.06 -4.52
C THR A 15 -5.01 21.77 -4.48
N LYS A 16 -5.94 21.61 -5.42
CA LYS A 16 -6.92 20.53 -5.29
C LYS A 16 -6.31 19.14 -5.40
N ASP A 17 -5.13 19.05 -6.01
CA ASP A 17 -4.46 17.73 -6.15
C ASP A 17 -3.87 17.25 -4.84
N ILE A 18 -3.55 18.20 -3.95
CA ILE A 18 -3.21 17.86 -2.56
C ILE A 18 -4.46 17.46 -1.74
N PHE A 19 -5.56 18.20 -1.89
CA PHE A 19 -6.80 17.76 -1.27
C PHE A 19 -7.12 16.30 -1.70
N ASP A 20 -7.06 16.02 -3.00
CA ASP A 20 -7.41 14.70 -3.52
C ASP A 20 -6.52 13.61 -2.94
N LEU A 21 -5.23 13.93 -2.76
CA LEU A 21 -4.29 13.00 -2.17
C LEU A 21 -4.61 12.75 -0.72
N ARG A 22 -4.95 13.82 -0.01
CA ARG A 22 -5.38 13.70 1.35
C ARG A 22 -6.65 12.83 1.43
N ASP A 23 -7.61 13.01 0.52
CA ASP A 23 -8.88 12.28 0.59
C ASP A 23 -8.72 10.86 0.21
N TYR A 24 -7.76 10.62 -0.67
CA TYR A 24 -7.51 9.30 -1.13
C TYR A 24 -6.95 8.50 0.03
N TYR A 25 -5.88 9.05 0.62
CA TYR A 25 -5.13 8.33 1.62
C TYR A 25 -5.77 8.30 3.02
N SER A 26 -6.78 9.11 3.28
CA SER A 26 -7.55 8.86 4.50
C SER A 26 -8.91 8.24 4.22
N GLY A 27 -9.11 7.77 2.99
CA GLY A 27 -10.28 6.97 2.64
C GLY A 27 -10.28 5.63 3.36
N ALA A 28 -11.28 4.81 3.06
CA ALA A 28 -11.38 3.48 3.64
C ALA A 28 -10.44 2.57 2.88
N SER A 29 -9.87 1.57 3.56
CA SER A 29 -9.20 0.47 2.87
C SER A 29 -9.71 -0.81 3.54
N LYS A 30 -9.46 -1.94 2.91
CA LYS A 30 -9.96 -3.21 3.42
C LYS A 30 -8.95 -4.32 3.13
N GLU A 31 -8.58 -5.07 4.15
CA GLU A 31 -7.70 -6.25 4.06
C GLU A 31 -8.48 -7.58 3.93
N LEU A 32 -8.32 -8.19 2.77
CA LEU A 32 -8.86 -9.51 2.51
C LEU A 32 -7.75 -10.49 2.74
N LYS A 33 -8.03 -11.56 3.48
CA LYS A 33 -7.03 -12.60 3.78
C LYS A 33 -7.49 -13.99 3.35
N ASN A 34 -6.52 -14.82 2.97
CA ASN A 34 -6.78 -16.21 2.57
C ASN A 34 -8.07 -16.38 1.75
N VAL A 35 -8.29 -15.46 0.82
CA VAL A 35 -9.46 -15.50 -0.08
C VAL A 35 -9.10 -16.20 -1.40
N THR A 36 -10.11 -16.77 -2.04
CA THR A 36 -9.97 -17.40 -3.35
C THR A 36 -10.42 -16.41 -4.41
N GLY A 37 -9.53 -16.09 -5.35
CA GLY A 37 -9.91 -15.23 -6.48
C GLY A 37 -9.90 -15.94 -7.82
N TYR A 38 -10.71 -15.46 -8.76
CA TYR A 38 -10.87 -16.09 -10.08
C TYR A 38 -10.41 -15.15 -11.17
N ARG A 39 -9.59 -15.65 -12.07
CA ARG A 39 -9.14 -14.85 -13.22
C ARG A 39 -10.23 -14.61 -14.30
N TYR A 40 -10.20 -13.40 -14.83
CA TYR A 40 -11.22 -12.87 -15.70
C TYR A 40 -10.55 -11.74 -16.47
N SER A 41 -10.61 -11.80 -17.81
CA SER A 41 -10.21 -10.68 -18.68
C SER A 41 -11.44 -10.16 -19.43
N LYS A 42 -11.48 -8.84 -19.66
CA LYS A 42 -12.57 -8.22 -20.40
C LYS A 42 -12.01 -6.94 -20.97
N GLY A 43 -11.85 -6.91 -22.29
CA GLY A 43 -11.35 -5.73 -22.99
C GLY A 43 -9.86 -5.56 -22.82
N GLY A 44 -9.14 -6.68 -22.87
CA GLY A 44 -7.68 -6.68 -22.79
C GLY A 44 -7.10 -6.12 -21.50
N LYS A 45 -7.91 -6.06 -20.44
CA LYS A 45 -7.42 -5.71 -19.10
C LYS A 45 -7.59 -6.95 -18.25
N HIS A 46 -6.85 -7.04 -17.15
CA HIS A 46 -6.87 -8.25 -16.35
C HIS A 46 -7.37 -8.00 -14.94
N TYR A 47 -8.29 -8.85 -14.52
CA TYR A 47 -8.97 -8.71 -13.24
C TYR A 47 -8.90 -10.00 -12.46
N LEU A 48 -9.15 -9.86 -11.15
CA LEU A 48 -9.56 -10.93 -10.25
C LEU A 48 -10.98 -10.68 -9.69
N ILE A 49 -11.85 -11.70 -9.79
CA ILE A 49 -13.21 -11.63 -9.28
C ILE A 49 -13.43 -12.76 -8.27
N PHE A 50 -14.53 -12.72 -7.52
CA PHE A 50 -14.68 -13.68 -6.47
C PHE A 50 -15.79 -14.71 -6.64
N ASP A 51 -17.00 -14.41 -6.21
CA ASP A 51 -17.94 -15.49 -6.07
C ASP A 51 -19.25 -14.81 -6.06
N ALA A 52 -20.29 -15.47 -6.56
CA ALA A 52 -21.63 -14.92 -6.44
C ALA A 52 -21.74 -14.34 -5.01
N HIS A 53 -21.29 -15.14 -4.03
CA HIS A 53 -21.50 -14.90 -2.58
C HIS A 53 -20.64 -13.83 -1.91
N GLN A 54 -19.55 -13.41 -2.55
CA GLN A 54 -18.63 -12.40 -2.00
C GLN A 54 -18.74 -11.14 -2.82
N ALA A 55 -19.60 -10.25 -2.33
CA ALA A 55 -19.89 -9.00 -2.99
C ALA A 55 -18.70 -8.03 -2.78
N PHE A 56 -17.49 -8.46 -3.15
CA PHE A 56 -16.26 -7.68 -2.91
C PHE A 56 -15.95 -6.78 -4.09
N THR A 57 -15.07 -5.78 -3.88
CA THR A 57 -14.56 -4.93 -4.96
C THR A 57 -13.73 -5.74 -5.96
N ARG A 58 -13.94 -5.53 -7.28
CA ARG A 58 -13.11 -6.11 -8.37
C ARG A 58 -11.70 -5.61 -8.28
N ILE A 59 -10.74 -6.52 -8.38
CA ILE A 59 -9.34 -6.16 -8.39
C ILE A 59 -8.77 -6.17 -9.78
N GLN A 60 -8.26 -5.04 -10.25
CA GLN A 60 -7.56 -5.04 -11.52
C GLN A 60 -6.13 -5.43 -11.26
N ILE A 61 -5.60 -6.39 -12.03
CA ILE A 61 -4.20 -6.81 -11.86
C ILE A 61 -3.34 -6.57 -13.10
N PHE A 62 -2.03 -6.78 -12.95
CA PHE A 62 -1.02 -6.37 -13.92
C PHE A 62 -0.22 -7.54 -14.48
N GLY A 63 0.63 -7.25 -15.45
CA GLY A 63 1.45 -8.27 -16.07
C GLY A 63 2.22 -9.11 -15.07
N LYS A 64 2.87 -8.45 -14.11
CA LYS A 64 3.69 -9.13 -13.11
C LYS A 64 2.86 -9.98 -12.17
N ASP A 65 1.56 -9.72 -12.11
CA ASP A 65 0.67 -10.51 -11.27
C ASP A 65 0.39 -11.83 -11.97
N ILE A 66 0.03 -11.75 -13.25
CA ILE A 66 -0.16 -12.92 -14.05
C ILE A 66 0.99 -13.91 -13.92
N GLU A 67 2.25 -13.44 -13.94
CA GLU A 67 3.37 -14.36 -13.91
C GLU A 67 3.42 -15.23 -12.64
N ARG A 68 2.57 -14.90 -11.65
CA ARG A 68 2.52 -15.63 -10.36
C ARG A 68 1.18 -16.24 -10.02
N LEU A 69 0.22 -16.09 -10.93
CA LEU A 69 -1.13 -16.63 -10.79
C LEU A 69 -1.43 -17.81 -11.75
N LYS A 70 -2.51 -18.53 -11.46
CA LYS A 70 -2.82 -19.73 -12.23
C LYS A 70 -3.91 -19.51 -13.26
N ALA A 71 -3.89 -20.35 -14.31
CA ALA A 71 -4.84 -20.28 -15.43
C ALA A 71 -6.17 -19.58 -15.03
N ARG A 72 -6.77 -19.98 -13.88
CA ARG A 72 -8.12 -19.51 -13.49
C ARG A 72 -8.45 -19.39 -11.98
N LYS A 73 -8.57 -20.49 -11.25
CA LYS A 73 -8.88 -20.40 -9.79
C LYS A 73 -7.63 -20.37 -8.93
N ASN A 74 -7.66 -19.51 -7.91
CA ASN A 74 -6.48 -19.08 -7.17
C ASN A 74 -6.70 -18.95 -5.64
N PRO A 75 -6.65 -20.09 -4.89
CA PRO A 75 -6.92 -19.97 -3.44
C PRO A 75 -5.79 -19.28 -2.69
N GLY A 76 -6.05 -18.98 -1.42
CA GLY A 76 -5.01 -18.62 -0.48
C GLY A 76 -4.35 -17.30 -0.73
N LEU A 77 -5.12 -16.34 -1.22
CA LEU A 77 -4.54 -15.03 -1.51
C LEU A 77 -4.79 -14.03 -0.40
N ASP A 78 -3.97 -12.99 -0.34
CA ASP A 78 -4.21 -11.90 0.58
C ASP A 78 -4.31 -10.68 -0.30
N ILE A 79 -5.40 -9.93 -0.20
CA ILE A 79 -5.52 -8.75 -1.04
C ILE A 79 -5.65 -7.49 -0.19
N PHE A 80 -4.90 -6.45 -0.51
CA PHE A 80 -5.16 -5.16 0.13
C PHE A 80 -5.91 -4.24 -0.82
N VAL A 81 -7.22 -4.06 -0.52
CA VAL A 81 -8.20 -3.36 -1.38
C VAL A 81 -8.37 -1.87 -1.03
N VAL A 82 -8.21 -0.99 -2.02
CA VAL A 82 -8.58 0.44 -1.93
C VAL A 82 -9.48 0.84 -3.14
N LYS A 83 -10.76 1.18 -2.89
CA LYS A 83 -11.74 1.58 -3.94
C LYS A 83 -11.24 2.81 -4.70
N GLU A 84 -11.33 2.76 -6.03
CA GLU A 84 -10.60 3.71 -6.85
C GLU A 84 -11.41 4.85 -7.53
N ALA A 85 -12.72 4.73 -7.65
CA ALA A 85 -13.53 5.72 -8.42
C ALA A 85 -13.91 5.12 -9.75
N GLU A 86 -14.94 5.69 -10.36
CA GLU A 86 -15.72 4.99 -11.38
C GLU A 86 -15.27 5.02 -12.84
N ASN A 87 -15.25 3.85 -13.48
CA ASN A 87 -15.21 3.81 -14.94
C ASN A 87 -16.60 3.67 -15.65
N ARG A 88 -16.95 2.44 -16.05
CA ARG A 88 -18.08 2.16 -16.95
C ARG A 88 -19.22 3.14 -16.84
N THR A 91 -17.91 1.05 -13.41
CA THR A 91 -18.00 0.31 -12.15
C THR A 91 -16.71 0.47 -11.31
N VAL A 92 -16.77 0.13 -10.02
CA VAL A 92 -15.66 0.42 -9.08
C VAL A 92 -14.64 -0.71 -9.00
N PHE A 93 -13.35 -0.32 -8.98
CA PHE A 93 -12.18 -1.23 -9.03
C PHE A 93 -11.16 -0.85 -8.00
N SER A 94 -10.30 -1.80 -7.65
CA SER A 94 -9.07 -1.53 -6.90
C SER A 94 -7.85 -2.06 -7.67
N TYR A 95 -6.74 -1.30 -7.70
CA TYR A 95 -5.55 -1.67 -8.49
C TYR A 95 -4.55 -2.47 -7.68
N GLY A 96 -4.29 -3.69 -8.10
CA GLY A 96 -3.22 -4.50 -7.51
C GLY A 96 -3.38 -4.95 -6.07
N GLY A 97 -2.33 -4.79 -5.30
CA GLY A 97 -2.31 -5.19 -3.88
C GLY A 97 -2.45 -6.68 -3.55
N VAL A 98 -2.31 -7.58 -4.56
CA VAL A 98 -2.33 -9.06 -4.32
C VAL A 98 -1.02 -9.69 -3.81
N THR A 99 -1.10 -10.57 -2.80
CA THR A 99 0.06 -11.30 -2.27
C THR A 99 -0.38 -12.71 -1.89
N LYS A 100 0.57 -13.60 -1.61
CA LYS A 100 0.23 -14.94 -1.08
C LYS A 100 0.14 -14.96 0.47
N LYS A 101 -0.74 -15.80 1.01
CA LYS A 101 -0.89 -15.84 2.46
C LYS A 101 0.41 -16.30 3.10
N ASN A 102 0.67 -15.89 4.33
CA ASN A 102 1.73 -16.56 5.09
C ASN A 102 1.69 -18.09 4.95
N GLN A 103 2.89 -18.68 4.91
CA GLN A 103 3.04 -20.15 5.04
C GLN A 103 3.46 -20.49 6.45
N GLY A 104 4.32 -19.65 7.01
CA GLY A 104 4.73 -19.81 8.40
C GLY A 104 3.60 -19.52 9.36
N ALA A 105 3.85 -19.87 10.62
CA ALA A 105 2.92 -19.72 11.72
C ALA A 105 3.69 -18.91 12.72
N TYR A 106 3.09 -17.84 13.24
CA TYR A 106 3.81 -16.94 14.17
C TYR A 106 2.94 -16.68 15.39
N TYR A 107 3.55 -16.48 16.55
CA TYR A 107 2.82 -16.07 17.75
C TYR A 107 1.99 -14.80 17.49
N ASP A 108 2.65 -13.74 17.03
CA ASP A 108 2.01 -12.46 16.78
C ASP A 108 2.46 -11.93 15.40
N TYR A 109 3.40 -11.00 15.37
CA TYR A 109 3.89 -10.43 14.12
C TYR A 109 5.24 -11.03 13.84
N LEU A 110 5.72 -10.76 12.61
CA LEU A 110 6.94 -11.29 11.97
C LEU A 110 8.11 -10.40 12.19
N ASN A 111 7.85 -9.10 12.28
CA ASN A 111 8.89 -8.08 12.24
C ASN A 111 8.32 -6.77 12.81
N ALA A 112 9.16 -5.93 13.39
CA ALA A 112 8.68 -4.64 13.89
C ALA A 112 9.72 -3.54 13.61
N PRO A 113 9.93 -3.20 12.33
CA PRO A 113 11.04 -2.27 12.12
C PRO A 113 10.62 -0.90 12.64
N LYS A 114 11.54 -0.10 13.16
CA LYS A 114 11.19 1.25 13.64
C LYS A 114 10.81 2.12 12.42
N PHE A 115 9.87 3.06 12.61
CA PHE A 115 9.45 4.00 11.58
C PHE A 115 9.83 5.36 12.11
N VAL A 116 10.92 5.95 11.61
CA VAL A 116 11.48 7.21 12.13
C VAL A 116 10.92 8.39 11.33
N ILE A 117 10.13 9.23 11.98
CA ILE A 117 9.37 10.29 11.28
C ILE A 117 10.00 11.63 11.56
N LYS A 118 10.53 12.30 10.53
CA LYS A 118 11.16 13.59 10.67
C LYS A 118 10.38 14.68 9.97
N LYS A 119 9.90 15.67 10.74
CA LYS A 119 9.05 16.75 10.20
C LYS A 119 9.62 18.14 10.33
N GLU A 120 9.98 18.75 9.19
CA GLU A 120 10.42 20.13 9.11
C GLU A 120 9.42 21.05 9.81
N VAL A 121 9.90 21.91 10.71
CA VAL A 121 9.06 22.90 11.40
C VAL A 121 9.79 24.25 11.57
N ASP A 122 9.39 24.96 12.63
CA ASP A 122 9.89 26.26 12.97
C ASP A 122 11.42 26.40 13.10
N ALA A 123 12.15 26.36 11.97
CA ALA A 123 13.63 26.39 12.02
C ALA A 123 14.16 25.15 12.80
N GLY A 124 13.48 24.02 12.66
CA GLY A 124 13.84 22.84 13.41
C GLY A 124 13.35 21.60 12.71
N VAL A 125 13.53 20.44 13.33
CA VAL A 125 12.97 19.18 12.85
C VAL A 125 12.47 18.45 14.08
N TYR A 126 11.25 17.94 14.01
CA TYR A 126 10.68 17.16 15.09
C TYR A 126 10.72 15.65 14.76
N THR A 127 11.41 14.85 15.59
CA THR A 127 11.54 13.37 15.30
C THR A 127 10.72 12.49 16.23
N HIS A 128 9.96 11.58 15.66
CA HIS A 128 9.17 10.65 16.42
C HIS A 128 9.52 9.27 15.93
N VAL A 129 9.96 8.39 16.83
CA VAL A 129 10.18 6.96 16.48
C VAL A 129 9.00 6.05 16.91
N LYS A 130 8.66 5.05 16.14
CA LYS A 130 7.53 4.18 16.52
C LYS A 130 7.76 2.88 15.86
N ARG A 131 7.12 1.80 16.32
CA ARG A 131 7.33 0.55 15.62
C ARG A 131 6.21 0.29 14.64
N HIS A 132 6.54 -0.36 13.54
CA HIS A 132 5.53 -0.73 12.63
C HIS A 132 5.46 -2.26 12.52
N TYR A 133 4.31 -2.82 12.90
CA TYR A 133 4.17 -4.26 13.09
C TYR A 133 3.77 -4.96 11.78
N ILE A 134 4.68 -5.79 11.27
CA ILE A 134 4.54 -6.45 9.97
C ILE A 134 4.01 -7.88 10.16
N TYR A 135 2.87 -8.21 9.54
CA TYR A 135 2.28 -9.53 9.75
C TYR A 135 2.54 -10.51 8.60
N LYS A 136 2.89 -9.97 7.44
CA LYS A 136 2.89 -10.79 6.23
C LYS A 136 4.29 -11.11 5.71
N GLU A 137 4.51 -12.36 5.34
CA GLU A 137 5.68 -12.73 4.55
C GLU A 137 5.78 -11.91 3.26
N GLU A 138 4.68 -11.78 2.53
CA GLU A 138 4.68 -11.03 1.27
C GLU A 138 3.79 -9.82 1.50
N VAL A 139 4.41 -8.65 1.57
CA VAL A 139 3.68 -7.40 1.69
C VAL A 139 3.89 -6.54 0.42
N SER A 140 2.78 -6.19 -0.26
CA SER A 140 2.80 -5.33 -1.43
C SER A 140 3.15 -3.90 -1.04
N LEU A 141 3.82 -3.20 -1.95
CA LEU A 141 4.10 -1.77 -1.77
C LEU A 141 2.80 -0.94 -1.69
N LYS A 142 1.71 -1.45 -2.27
CA LYS A 142 0.43 -0.74 -2.22
C LYS A 142 -0.01 -0.54 -0.80
N GLU A 143 0.25 -1.53 0.04
CA GLU A 143 -0.17 -1.47 1.43
C GLU A 143 0.73 -0.62 2.33
N LEU A 144 2.03 -0.63 2.06
CA LEU A 144 2.90 0.18 2.90
C LEU A 144 2.68 1.63 2.50
N ASP A 145 2.53 1.90 1.20
CA ASP A 145 2.20 3.26 0.78
C ASP A 145 0.96 3.82 1.46
N PHE A 146 -0.15 3.09 1.41
CA PHE A 146 -1.42 3.54 1.98
C PHE A 146 -1.41 3.70 3.51
N LYS A 147 -1.06 2.67 4.25
CA LYS A 147 -1.11 2.71 5.68
C LYS A 147 -0.19 3.78 6.26
N LEU A 148 1.06 3.77 5.81
CA LEU A 148 2.02 4.84 6.14
C LEU A 148 1.56 6.28 5.92
N ARG A 149 1.15 6.63 4.69
CA ARG A 149 0.62 7.94 4.40
C ARG A 149 -0.62 8.27 5.25
N GLN A 150 -1.52 7.29 5.45
CA GLN A 150 -2.69 7.49 6.31
C GLN A 150 -2.31 7.87 7.73
N TYR A 151 -1.49 7.03 8.34
CA TYR A 151 -0.89 7.33 9.63
C TYR A 151 -0.35 8.75 9.69
N LEU A 152 0.33 9.21 8.62
CA LEU A 152 1.01 10.50 8.65
C LEU A 152 0.02 11.61 8.47
N ILE A 153 -1.05 11.34 7.72
CA ILE A 153 -2.15 12.30 7.62
C ILE A 153 -2.82 12.49 8.99
N GLN A 154 -3.13 11.41 9.69
CA GLN A 154 -3.87 11.52 10.94
C GLN A 154 -3.01 12.03 12.10
N ASN A 155 -1.73 11.66 12.11
CA ASN A 155 -0.91 11.89 13.29
C ASN A 155 0.12 12.93 13.12
N PHE A 156 0.41 13.31 11.88
CA PHE A 156 1.49 14.28 11.64
C PHE A 156 1.20 15.44 10.70
N ASP A 157 -0.07 15.63 10.32
CA ASP A 157 -0.50 16.75 9.46
C ASP A 157 -0.02 16.74 8.00
N LEU A 158 0.41 15.59 7.50
CA LEU A 158 0.70 15.44 6.08
C LEU A 158 -0.43 16.08 5.24
N TYR A 159 -0.06 16.82 4.21
CA TYR A 159 -0.99 17.42 3.26
C TYR A 159 -1.77 18.59 3.75
N LYS A 160 -1.48 19.07 4.97
CA LYS A 160 -1.99 20.37 5.39
C LYS A 160 -1.18 21.49 4.79
N LYS A 161 0.13 21.29 4.70
CA LYS A 161 1.00 22.16 3.92
C LYS A 161 1.40 21.42 2.64
N PHE A 162 1.93 22.17 1.67
CA PHE A 162 2.45 21.60 0.42
C PHE A 162 3.54 20.59 0.78
N PRO A 163 3.40 19.34 0.31
CA PRO A 163 4.41 18.32 0.59
C PRO A 163 5.78 18.54 -0.04
N LYS A 164 5.89 19.27 -1.15
CA LYS A 164 7.19 19.47 -1.85
C LYS A 164 7.98 18.15 -2.00
N ASP A 165 9.25 18.10 -1.57
CA ASP A 165 10.03 16.83 -1.62
C ASP A 165 9.73 15.80 -0.52
N SER A 166 8.56 15.82 0.10
CA SER A 166 8.33 14.87 1.18
C SER A 166 8.39 13.45 0.65
N LYS A 167 9.10 12.59 1.36
CA LYS A 167 9.35 11.22 0.89
C LYS A 167 9.19 10.25 2.06
N ILE A 168 8.72 9.03 1.78
CA ILE A 168 8.83 7.86 2.71
C ILE A 168 9.85 6.92 2.06
N LYS A 169 10.75 6.36 2.86
CA LYS A 169 11.71 5.37 2.39
C LYS A 169 11.52 4.06 3.17
N VAL A 170 11.28 2.95 2.47
CA VAL A 170 11.35 1.64 3.12
C VAL A 170 12.74 0.98 2.86
N ILE A 171 13.54 0.85 3.92
CA ILE A 171 14.92 0.37 3.82
C ILE A 171 15.02 -1.10 4.27
N MET A 172 15.62 -1.95 3.43
CA MET A 172 15.69 -3.38 3.68
C MET A 172 16.98 -3.77 4.41
N LYS A 173 17.08 -5.02 4.82
CA LYS A 173 18.26 -5.47 5.51
C LYS A 173 19.54 -5.37 4.64
N ASP A 174 19.47 -5.75 3.37
CA ASP A 174 20.60 -5.61 2.42
C ASP A 174 20.90 -4.20 1.96
N GLY A 175 20.02 -3.24 2.25
CA GLY A 175 20.29 -1.83 1.92
C GLY A 175 19.46 -1.34 0.75
N GLY A 176 18.75 -2.28 0.10
CA GLY A 176 17.86 -1.98 -1.03
C GLY A 176 16.74 -1.19 -0.42
N TYR A 177 16.19 -0.24 -1.16
CA TYR A 177 15.05 0.50 -0.60
C TYR A 177 13.95 0.83 -1.59
N TYR A 178 12.85 1.35 -1.06
CA TYR A 178 11.67 1.71 -1.83
C TYR A 178 11.19 3.07 -1.40
N THR A 179 11.01 3.99 -2.35
CA THR A 179 10.75 5.41 -2.05
C THR A 179 9.37 5.77 -2.51
N PHE A 180 8.63 6.45 -1.64
CA PHE A 180 7.31 6.96 -1.99
C PHE A 180 7.35 8.47 -1.93
N GLU A 181 7.44 9.11 -3.11
CA GLU A 181 7.39 10.58 -3.21
C GLU A 181 5.97 11.00 -2.92
N LEU A 182 5.80 11.84 -1.90
CA LEU A 182 4.51 12.08 -1.29
C LEU A 182 3.75 13.24 -1.95
N ASN A 183 4.40 13.92 -2.90
CA ASN A 183 3.69 14.91 -3.70
C ASN A 183 2.81 14.30 -4.83
N LYS A 184 3.03 13.03 -5.18
CA LYS A 184 2.14 12.36 -6.13
C LYS A 184 1.56 11.04 -5.58
N LYS A 185 0.41 10.63 -6.12
CA LYS A 185 -0.16 9.30 -5.83
C LYS A 185 0.79 8.21 -6.35
N LEU A 186 0.86 7.07 -5.67
CA LEU A 186 1.68 5.95 -6.09
C LEU A 186 1.22 5.45 -7.45
N GLN A 187 2.14 5.38 -8.41
CA GLN A 187 1.77 5.01 -9.76
C GLN A 187 1.18 3.59 -9.72
N PRO A 188 0.04 3.36 -10.39
CA PRO A 188 -0.59 2.04 -10.51
C PRO A 188 0.36 0.82 -10.60
N HIS A 189 1.25 0.81 -11.59
CA HIS A 189 2.14 -0.34 -11.86
C HIS A 189 3.04 -0.77 -10.66
N ARG A 190 3.19 0.11 -9.65
CA ARG A 190 3.96 -0.20 -8.43
C ARG A 190 3.09 -0.90 -7.34
N MET A 191 1.76 -0.90 -7.53
CA MET A 191 0.86 -1.43 -6.50
C MET A 191 0.86 -2.98 -6.44
N SER A 192 1.48 -3.59 -7.48
CA SER A 192 1.71 -5.01 -7.58
C SER A 192 3.14 -5.43 -7.22
N ASP A 193 4.01 -4.48 -6.83
CA ASP A 193 5.38 -4.85 -6.41
C ASP A 193 5.30 -5.41 -5.01
N VAL A 194 5.92 -6.55 -4.79
CA VAL A 194 5.79 -7.28 -3.51
C VAL A 194 7.19 -7.40 -2.92
N ILE A 195 7.36 -7.09 -1.63
CA ILE A 195 8.65 -7.26 -0.95
C ILE A 195 8.48 -8.22 0.21
N ASP A 196 9.60 -8.70 0.76
CA ASP A 196 9.60 -9.70 1.83
C ASP A 196 9.43 -8.99 3.18
N GLY A 197 8.28 -9.12 3.83
CA GLY A 197 8.05 -8.51 5.16
C GLY A 197 9.12 -8.74 6.23
N ARG A 198 9.75 -9.92 6.22
CA ARG A 198 10.77 -10.27 7.21
C ARG A 198 12.11 -9.56 7.02
N ASN A 199 12.36 -9.04 5.80
CA ASN A 199 13.62 -8.39 5.46
C ASN A 199 13.58 -6.88 5.45
N ILE A 200 12.45 -6.30 5.81
CA ILE A 200 12.36 -4.88 6.13
C ILE A 200 13.18 -4.52 7.36
N GLU A 201 14.22 -3.71 7.18
CA GLU A 201 15.11 -3.32 8.26
C GLU A 201 14.56 -2.16 9.08
N LYS A 202 14.17 -1.08 8.42
CA LYS A 202 13.74 0.14 9.11
C LYS A 202 13.02 1.03 8.09
N MET A 203 12.27 2.03 8.57
CA MET A 203 11.41 2.86 7.67
C MET A 203 11.58 4.33 7.99
N GLU A 204 11.50 5.20 6.99
CA GLU A 204 11.82 6.61 7.20
C GLU A 204 10.78 7.52 6.56
N ALA A 205 10.38 8.60 7.22
CA ALA A 205 9.61 9.63 6.54
C ALA A 205 10.22 11.01 6.77
N ASN A 206 10.35 11.82 5.72
CA ASN A 206 10.78 13.20 5.85
C ASN A 206 9.69 14.09 5.26
N ILE A 207 9.09 14.91 6.10
CA ILE A 207 7.85 15.56 5.72
C ILE A 207 7.76 17.03 6.14
N ARG A 208 6.80 17.78 5.56
CA ARG A 208 6.36 19.12 6.07
C ARG A 208 4.89 19.03 6.47
C1 NAG B . 8.09 5.73 -14.25
C2 NAG B . 8.39 7.02 -13.48
C3 NAG B . 9.67 6.93 -12.64
C4 NAG B . 9.71 5.63 -11.82
C5 NAG B . 9.42 4.42 -12.71
C6 NAG B . 9.48 3.10 -11.94
C7 NAG B . 7.65 9.11 -14.33
C8 NAG B . 7.68 10.19 -15.40
N2 NAG B . 8.48 8.08 -14.47
O1 NAG B . 6.79 5.92 -14.77
O3 NAG B . 9.83 8.04 -11.78
O4 NAG B . 11.02 5.55 -11.22
O5 NAG B . 8.19 4.56 -13.42
O6 NAG B . 8.28 2.94 -11.24
O7 NAG B . 6.91 9.17 -13.32
C1 GAL B . 10.93 5.40 -9.90
C2 GAL B . 12.25 4.78 -9.47
C3 GAL B . 12.24 4.49 -7.97
C4 GAL B . 11.77 5.70 -7.16
C5 GAL B . 10.36 6.05 -7.65
C6 GAL B . 9.73 7.21 -6.91
O2 GAL B . 12.40 3.58 -10.18
O3 GAL B . 13.50 4.04 -7.56
O4 GAL B . 12.66 6.81 -7.26
O5 GAL B . 10.46 6.41 -9.00
O6 GAL B . 8.64 7.64 -7.67
C1 SIA B . 13.07 3.60 -5.32
C2 SIA B . 13.66 3.03 -6.62
C3 SIA B . 15.16 2.74 -6.57
C4 SIA B . 15.45 1.43 -5.85
C5 SIA B . 14.60 0.27 -6.34
C6 SIA B . 13.14 0.66 -6.27
C7 SIA B . 12.17 -0.43 -6.74
C8 SIA B . 10.78 0.16 -6.74
C9 SIA B . 9.68 -0.88 -6.98
C10 SIA B . 15.29 -2.00 -5.47
C11 SIA B . 15.63 -2.41 -6.86
N5 SIA B . 14.80 -0.76 -5.31
O1A SIA B . 11.92 3.25 -4.92
O1B SIA B . 13.70 4.48 -4.70
O4 SIA B . 16.82 1.06 -6.02
O6 SIA B . 12.94 1.85 -7.05
O7 SIA B . 12.47 -1.01 -8.03
O8 SIA B . 10.62 0.83 -5.47
O9 SIA B . 8.41 -0.17 -7.06
O10 SIA B . 15.43 -2.79 -4.52
C1 FUC B . 10.61 9.04 -12.16
C2 FUC B . 10.31 10.37 -11.50
C3 FUC B . 10.72 10.32 -10.03
C4 FUC B . 12.17 9.95 -9.90
C5 FUC B . 12.41 8.64 -10.61
C6 FUC B . 13.88 8.26 -10.53
O2 FUC B . 8.93 10.60 -11.54
O3 FUC B . 10.55 11.59 -9.47
O4 FUC B . 12.91 10.93 -10.58
O5 FUC B . 11.96 8.72 -11.98
CL CL C . 14.07 -0.01 20.73
O1 SRT D . -1.26 -17.45 -15.84
O11 SRT D . -2.19 -16.94 -17.77
C1 SRT D . -1.29 -17.49 -17.10
C2 SRT D . -0.18 -18.20 -17.82
O2 SRT D . 0.54 -17.24 -18.63
C3 SRT D . 0.91 -18.83 -16.92
O3 SRT D . 0.38 -19.22 -15.63
C4 SRT D . 1.60 -19.97 -17.64
O4 SRT D . 1.42 -20.14 -18.87
O41 SRT D . 2.37 -20.71 -16.97
C1 GOL E . 11.69 19.01 1.70
O1 GOL E . 10.74 19.07 0.65
C2 GOL E . 11.36 17.82 2.60
O2 GOL E . 10.79 18.29 3.80
C3 GOL E . 12.60 16.92 2.76
O3 GOL E . 12.77 16.47 4.10
#